data_8A34
#
_entry.id   8A34
#
_cell.length_a   59.008
_cell.length_b   68.714
_cell.length_c   79.801
_cell.angle_alpha   90.00
_cell.angle_beta   90.00
_cell.angle_gamma   90.00
#
_symmetry.space_group_name_H-M   'P 21 21 21'
#
loop_
_entity.id
_entity.type
_entity.pdbx_description
1 polymer '7,8-dihydro-8-oxoguanine triphosphatase'
2 non-polymer 5-(2-phenylphenyl)-1H-pyrimidine-2,4-dione
3 non-polymer 'ACETATE ION'
4 non-polymer 'SULFATE ION'
5 water water
#
_entity_poly.entity_id   1
_entity_poly.type   'polypeptide(L)'
_entity_poly.pdbx_seq_one_letter_code
;GSHMGASRLYTLVLVLQPQRVLLGMKKRGFGAGRWNGFGGKVQEGETIEDGARRELQEESGLTVDALHKVGQIVFEFVGE
PELMDVHVFCTDSIQGTPVESDEMRPCWFQLDQIPFKDMWPDDSYWFPLLLQKKKFHGYFKFQGQDTILDYTLREVDTV
;
_entity_poly.pdbx_strand_id   A,B
#
# COMPACT_ATOMS: atom_id res chain seq x y z
N SER A 2 3.89 -9.71 -3.74
CA SER A 2 4.56 -11.05 -3.67
C SER A 2 4.99 -11.29 -2.23
N HIS A 3 4.32 -12.24 -1.57
CA HIS A 3 4.64 -12.61 -0.20
C HIS A 3 4.84 -14.12 -0.20
N MET A 4 6.06 -14.53 0.14
CA MET A 4 6.48 -15.94 0.05
C MET A 4 6.18 -16.71 1.33
N GLY A 5 5.96 -18.01 1.15
CA GLY A 5 5.72 -18.95 2.25
C GLY A 5 4.29 -19.40 2.29
N ALA A 6 4.05 -20.49 3.02
CA ALA A 6 2.72 -21.04 3.23
C ALA A 6 1.82 -20.01 3.92
N SER A 7 0.54 -20.01 3.52
CA SER A 7 -0.45 -19.12 4.11
C SER A 7 -1.68 -19.92 4.49
N ARG A 8 -2.33 -19.51 5.58
CA ARG A 8 -3.52 -20.17 6.09
C ARG A 8 -4.69 -19.30 5.67
N LEU A 9 -5.74 -19.93 5.12
CA LEU A 9 -6.94 -19.22 4.67
C LEU A 9 -7.87 -18.84 5.82
N TYR A 10 -8.31 -17.58 5.81
CA TYR A 10 -9.31 -17.04 6.73
C TYR A 10 -10.36 -16.27 5.93
N THR A 11 -11.56 -16.15 6.48
CA THR A 11 -12.58 -15.25 5.90
C THR A 11 -12.94 -14.16 6.87
N LEU A 12 -13.41 -13.04 6.32
CA LEU A 12 -13.94 -11.96 7.12
C LEU A 12 -15.12 -11.37 6.38
N VAL A 13 -16.29 -11.35 7.02
CA VAL A 13 -17.51 -10.87 6.40
C VAL A 13 -18.00 -9.60 7.08
N LEU A 14 -18.32 -8.62 6.24
CA LEU A 14 -18.90 -7.35 6.68
C LEU A 14 -20.27 -7.18 6.05
N VAL A 15 -21.29 -7.10 6.90
CA VAL A 15 -22.65 -6.80 6.50
C VAL A 15 -22.73 -5.26 6.43
N LEU A 16 -22.67 -4.75 5.20
CA LEU A 16 -22.59 -3.33 4.95
C LEU A 16 -23.85 -2.87 4.24
N GLN A 17 -24.71 -2.18 4.97
CA GLN A 17 -25.96 -1.63 4.44
C GLN A 17 -25.75 -0.16 4.09
N PRO A 18 -26.74 0.48 3.45
CA PRO A 18 -26.54 1.88 3.04
C PRO A 18 -26.11 2.84 4.15
N GLN A 19 -26.74 2.72 5.31
CA GLN A 19 -26.53 3.64 6.43
C GLN A 19 -25.80 3.02 7.63
N ARG A 20 -25.40 1.76 7.54
CA ARG A 20 -24.88 1.07 8.71
C ARG A 20 -24.10 -0.18 8.37
N VAL A 21 -23.24 -0.55 9.31
CA VAL A 21 -22.43 -1.75 9.22
C VAL A 21 -22.61 -2.57 10.50
N LEU A 22 -22.62 -3.89 10.36
CA LEU A 22 -22.72 -4.78 11.52
C LEU A 22 -21.33 -5.25 11.97
N LEU A 23 -21.03 -5.05 13.24
CA LEU A 23 -19.80 -5.54 13.82
C LEU A 23 -20.15 -6.43 15.01
N GLY A 24 -19.21 -7.31 15.36
CA GLY A 24 -19.32 -8.18 16.52
C GLY A 24 -18.20 -7.88 17.50
N MET A 25 -18.54 -7.80 18.78
CA MET A 25 -17.55 -7.69 19.84
C MET A 25 -17.08 -9.11 20.15
N LYS A 26 -15.80 -9.39 19.87
CA LYS A 26 -15.19 -10.67 20.23
C LYS A 26 -15.10 -10.84 21.75
N LYS A 27 -15.75 -11.89 22.23
CA LYS A 27 -15.97 -12.13 23.66
C LYS A 27 -14.91 -13.00 24.31
N ARG A 28 -14.34 -13.94 23.57
CA ARG A 28 -13.33 -14.87 24.09
C ARG A 28 -12.20 -15.05 23.08
N GLY A 29 -11.11 -15.66 23.52
CA GLY A 29 -10.02 -16.06 22.62
C GLY A 29 -9.18 -14.90 22.12
N PHE A 30 -8.57 -15.10 20.95
CA PHE A 30 -7.62 -14.14 20.39
C PHE A 30 -8.32 -12.92 19.81
N GLY A 31 -7.85 -11.74 20.20
CA GLY A 31 -8.49 -10.49 19.80
C GLY A 31 -9.77 -10.21 20.56
N ALA A 32 -9.98 -10.90 21.70
CA ALA A 32 -11.10 -10.60 22.58
C ALA A 32 -11.02 -9.15 22.98
N GLY A 33 -12.15 -8.46 22.93
CA GLY A 33 -12.22 -7.06 23.32
C GLY A 33 -12.22 -6.07 22.17
N ARG A 34 -12.17 -6.55 20.94
CA ARG A 34 -12.23 -5.71 19.74
C ARG A 34 -13.46 -5.99 18.89
N TRP A 35 -14.05 -4.93 18.35
CA TRP A 35 -15.09 -5.06 17.34
C TRP A 35 -14.45 -5.57 16.06
N ASN A 36 -15.22 -6.35 15.30
CA ASN A 36 -14.65 -7.09 14.19
C ASN A 36 -15.77 -7.52 13.23
N GLY A 37 -15.42 -7.82 11.98
CA GLY A 37 -16.29 -8.61 11.12
C GLY A 37 -16.39 -10.04 11.62
N PHE A 38 -17.18 -10.86 10.92
CA PHE A 38 -17.40 -12.22 11.30
C PHE A 38 -16.56 -13.10 10.40
N GLY A 39 -15.89 -14.08 10.99
CA GLY A 39 -14.89 -14.82 10.27
C GLY A 39 -14.11 -15.80 11.10
N GLY A 40 -13.19 -16.47 10.43
CA GLY A 40 -12.35 -17.45 11.07
C GLY A 40 -11.65 -18.28 10.02
N LYS A 41 -11.11 -19.39 10.47
CA LYS A 41 -10.33 -20.24 9.59
C LYS A 41 -11.23 -21.01 8.62
N VAL A 42 -10.77 -21.11 7.37
CA VAL A 42 -11.42 -21.96 6.38
C VAL A 42 -10.99 -23.41 6.61
N GLN A 43 -11.96 -24.32 6.53
CA GLN A 43 -11.73 -25.74 6.86
C GLN A 43 -11.47 -26.55 5.62
N GLU A 44 -10.87 -27.71 5.82
CA GLU A 44 -10.75 -28.73 4.80
C GLU A 44 -12.15 -29.10 4.35
N GLY A 45 -12.38 -29.16 3.04
CA GLY A 45 -13.64 -29.70 2.52
C GLY A 45 -14.73 -28.67 2.26
N GLU A 46 -14.46 -27.39 2.49
CA GLU A 46 -15.39 -26.31 2.15
C GLU A 46 -14.70 -25.32 1.22
N THR A 47 -15.46 -24.61 0.43
CA THR A 47 -14.90 -23.49 -0.35
C THR A 47 -14.69 -22.32 0.61
N ILE A 48 -13.98 -21.31 0.14
CA ILE A 48 -13.72 -20.13 0.95
C ILE A 48 -15.04 -19.42 1.23
N GLU A 49 -15.87 -19.26 0.20
CA GLU A 49 -17.15 -18.62 0.39
C GLU A 49 -18.04 -19.40 1.39
N ASP A 50 -18.00 -20.72 1.32
CA ASP A 50 -18.76 -21.56 2.26
C ASP A 50 -18.25 -21.40 3.68
N GLY A 51 -16.93 -21.28 3.84
CA GLY A 51 -16.33 -20.98 5.15
C GLY A 51 -16.83 -19.65 5.71
N ALA A 52 -16.88 -18.64 4.86
CA ALA A 52 -17.41 -17.32 5.20
C ALA A 52 -18.84 -17.37 5.68
N ARG A 53 -19.68 -18.06 4.92
CA ARG A 53 -21.09 -18.25 5.30
C ARG A 53 -21.20 -18.98 6.62
N ARG A 54 -20.43 -20.06 6.78
CA ARG A 54 -20.43 -20.83 8.03
C ARG A 54 -20.08 -19.97 9.23
N GLU A 55 -19.00 -19.20 9.14
CA GLU A 55 -18.54 -18.35 10.26
C GLU A 55 -19.57 -17.29 10.60
N LEU A 56 -20.17 -16.68 9.58
CA LEU A 56 -21.19 -15.67 9.81
C LEU A 56 -22.38 -16.26 10.57
N GLN A 57 -22.81 -17.45 10.17
CA GLN A 57 -23.94 -18.09 10.81
C GLN A 57 -23.63 -18.63 12.21
N GLU A 58 -22.43 -19.17 12.42
CA GLU A 58 -22.00 -19.60 13.76
C GLU A 58 -21.93 -18.43 14.74
N GLU A 59 -21.50 -17.28 14.26
CA GLU A 59 -21.16 -16.16 15.14
C GLU A 59 -22.27 -15.13 15.30
N SER A 60 -23.18 -15.06 14.35
CA SER A 60 -24.31 -14.12 14.42
C SER A 60 -25.71 -14.73 14.19
N GLY A 61 -25.78 -16.01 13.79
CA GLY A 61 -27.03 -16.62 13.36
C GLY A 61 -27.52 -16.23 11.99
N LEU A 62 -26.81 -15.36 11.27
CA LEU A 62 -27.30 -14.81 10.02
C LEU A 62 -26.97 -15.73 8.84
N THR A 63 -27.92 -15.88 7.94
CA THR A 63 -27.67 -16.50 6.64
C THR A 63 -27.83 -15.39 5.61
N VAL A 64 -27.31 -15.63 4.42
CA VAL A 64 -27.13 -14.59 3.41
C VAL A 64 -27.46 -15.12 2.03
N ASP A 65 -28.03 -14.27 1.18
CA ASP A 65 -28.29 -14.62 -0.22
C ASP A 65 -27.01 -14.72 -1.05
N ALA A 66 -26.25 -13.63 -1.04
CA ALA A 66 -25.02 -13.53 -1.81
C ALA A 66 -23.93 -12.89 -0.95
N LEU A 67 -22.71 -13.43 -1.05
CA LEU A 67 -21.52 -12.77 -0.52
C LEU A 67 -20.72 -12.27 -1.71
N HIS A 68 -20.14 -11.07 -1.58
CA HIS A 68 -19.32 -10.47 -2.63
C HIS A 68 -17.90 -10.34 -2.15
N LYS A 69 -16.96 -10.78 -2.98
CA LYS A 69 -15.53 -10.61 -2.71
C LYS A 69 -15.16 -9.14 -2.79
N VAL A 70 -14.58 -8.61 -1.72
CA VAL A 70 -14.18 -7.20 -1.72
C VAL A 70 -12.69 -6.96 -1.44
N GLY A 71 -11.98 -7.93 -0.88
CA GLY A 71 -10.55 -7.80 -0.68
C GLY A 71 -9.84 -9.07 -0.28
N GLN A 72 -8.52 -8.99 -0.35
CA GLN A 72 -7.63 -9.98 0.19
C GLN A 72 -6.56 -9.26 1.01
N ILE A 73 -6.32 -9.73 2.24
CA ILE A 73 -5.30 -9.14 3.08
C ILE A 73 -4.39 -10.26 3.55
N VAL A 74 -3.08 -10.05 3.39
CA VAL A 74 -2.07 -10.97 3.89
C VAL A 74 -1.54 -10.37 5.19
N PHE A 75 -1.45 -11.18 6.25
CA PHE A 75 -0.84 -10.73 7.49
C PHE A 75 0.41 -11.55 7.77
N GLU A 76 1.49 -10.88 8.15
CA GLU A 76 2.63 -11.51 8.82
C GLU A 76 2.59 -11.05 10.27
N PHE A 77 2.75 -11.99 11.21
CA PHE A 77 3.03 -11.67 12.60
C PHE A 77 4.47 -12.08 12.87
N VAL A 78 5.24 -11.17 13.48
CA VAL A 78 6.66 -11.38 13.72
C VAL A 78 6.80 -12.63 14.58
N GLY A 79 7.77 -13.47 14.22
CA GLY A 79 7.98 -14.74 14.90
C GLY A 79 7.00 -15.87 14.60
N GLU A 80 5.91 -15.61 13.88
CA GLU A 80 4.97 -16.69 13.53
C GLU A 80 5.25 -17.09 12.08
N PRO A 81 5.60 -18.37 11.83
CA PRO A 81 5.99 -18.79 10.48
C PRO A 81 4.91 -18.73 9.38
N GLU A 82 3.66 -19.01 9.73
CA GLU A 82 2.59 -19.09 8.74
C GLU A 82 2.03 -17.68 8.47
N LEU A 83 1.89 -17.31 7.20
CA LEU A 83 1.19 -16.06 6.85
C LEU A 83 -0.29 -16.35 6.91
N MET A 84 -1.11 -15.31 7.12
CA MET A 84 -2.55 -15.44 7.02
C MET A 84 -3.03 -14.82 5.72
N ASP A 85 -3.86 -15.53 4.97
CA ASP A 85 -4.45 -15.01 3.75
C ASP A 85 -5.94 -14.85 4.01
N VAL A 86 -6.36 -13.62 4.30
CA VAL A 86 -7.75 -13.33 4.65
C VAL A 86 -8.52 -12.89 3.42
N HIS A 87 -9.60 -13.59 3.11
CA HIS A 87 -10.50 -13.18 2.03
C HIS A 87 -11.67 -12.44 2.64
N VAL A 88 -11.86 -11.19 2.21
CA VAL A 88 -12.84 -10.29 2.82
C VAL A 88 -14.05 -10.27 1.90
N PHE A 89 -15.22 -10.43 2.49
CA PHE A 89 -16.47 -10.45 1.77
C PHE A 89 -17.41 -9.41 2.33
N CYS A 90 -18.34 -9.01 1.47
CA CYS A 90 -19.37 -8.06 1.80
C CYS A 90 -20.74 -8.60 1.36
N THR A 91 -21.74 -8.29 2.16
CA THR A 91 -23.15 -8.43 1.76
C THR A 91 -23.92 -7.22 2.28
N ASP A 92 -25.06 -6.91 1.65
CA ASP A 92 -25.95 -5.82 2.09
C ASP A 92 -27.19 -6.43 2.73
N SER A 93 -27.94 -7.20 1.94
CA SER A 93 -29.10 -7.91 2.43
C SER A 93 -28.69 -9.10 3.29
N ILE A 94 -29.43 -9.33 4.35
CA ILE A 94 -29.24 -10.49 5.23
C ILE A 94 -30.59 -11.15 5.47
N GLN A 95 -30.55 -12.35 6.02
CA GLN A 95 -31.73 -13.10 6.37
C GLN A 95 -31.69 -13.37 7.86
N GLY A 96 -32.67 -12.84 8.58
CA GLY A 96 -32.73 -12.93 10.03
C GLY A 96 -32.24 -11.67 10.75
N THR A 97 -32.30 -11.74 12.07
CA THR A 97 -31.81 -10.69 12.95
C THR A 97 -30.57 -11.26 13.60
N PRO A 98 -29.49 -10.47 13.66
CA PRO A 98 -28.30 -10.99 14.32
C PRO A 98 -28.54 -11.31 15.79
N VAL A 99 -27.98 -12.43 16.25
CA VAL A 99 -28.09 -12.86 17.65
C VAL A 99 -26.71 -13.13 18.26
N GLU A 100 -26.62 -12.92 19.56
CA GLU A 100 -25.36 -13.07 20.28
C GLU A 100 -25.01 -14.53 20.33
N SER A 101 -23.72 -14.81 20.13
CA SER A 101 -23.16 -16.15 20.26
C SER A 101 -22.15 -16.13 21.40
N ASP A 102 -21.62 -17.31 21.71
CA ASP A 102 -20.52 -17.41 22.68
C ASP A 102 -19.29 -16.58 22.23
N GLU A 103 -19.08 -16.50 20.92
CA GLU A 103 -17.93 -15.78 20.34
C GLU A 103 -18.11 -14.28 20.19
N MET A 104 -19.29 -13.87 19.71
CA MET A 104 -19.51 -12.51 19.21
C MET A 104 -20.82 -11.90 19.71
N ARG A 105 -20.76 -10.64 20.10
CA ARG A 105 -21.94 -9.83 20.44
C ARG A 105 -22.14 -8.79 19.33
N PRO A 106 -23.14 -8.99 18.45
CA PRO A 106 -23.30 -8.10 17.30
C PRO A 106 -24.00 -6.78 17.64
N CYS A 107 -23.62 -5.72 16.93
N CYS A 107 -23.66 -5.74 16.88
CA CYS A 107 -24.30 -4.44 16.99
CA CYS A 107 -24.27 -4.44 17.02
C CYS A 107 -24.16 -3.75 15.66
C CYS A 107 -24.14 -3.71 15.68
N TRP A 108 -25.16 -2.92 15.32
CA TRP A 108 -25.10 -2.06 14.15
C TRP A 108 -24.38 -0.76 14.48
N PHE A 109 -23.58 -0.27 13.52
CA PHE A 109 -22.89 1.00 13.66
C PHE A 109 -23.19 1.89 12.47
N GLN A 110 -23.45 3.16 12.75
CA GLN A 110 -23.57 4.19 11.71
C GLN A 110 -22.20 4.38 11.10
N LEU A 111 -22.16 4.67 9.81
CA LEU A 111 -20.90 4.68 9.06
C LEU A 111 -19.92 5.76 9.47
N ASP A 112 -20.42 6.79 10.15
CA ASP A 112 -19.57 7.83 10.74
C ASP A 112 -19.28 7.61 12.23
N GLN A 113 -19.59 6.43 12.77
CA GLN A 113 -19.34 6.12 14.17
C GLN A 113 -18.68 4.74 14.33
N ILE A 114 -17.92 4.34 13.33
CA ILE A 114 -17.24 3.04 13.35
C ILE A 114 -16.12 3.11 14.41
N PRO A 115 -16.09 2.18 15.38
CA PRO A 115 -15.18 2.38 16.53
C PRO A 115 -13.76 1.90 16.26
N PHE A 116 -13.06 2.62 15.39
CA PHE A 116 -11.73 2.22 14.90
C PHE A 116 -10.70 2.05 16.01
N LYS A 117 -10.73 2.90 17.03
CA LYS A 117 -9.79 2.74 18.15
C LYS A 117 -10.01 1.44 18.95
N ASP A 118 -11.19 0.82 18.81
CA ASP A 118 -11.49 -0.48 19.44
C ASP A 118 -11.63 -1.64 18.42
N MET A 119 -10.93 -1.54 17.30
CA MET A 119 -10.92 -2.55 16.25
C MET A 119 -9.47 -2.86 15.94
N TRP A 120 -9.22 -3.92 15.18
CA TRP A 120 -7.88 -4.24 14.72
C TRP A 120 -7.29 -3.01 13.99
N PRO A 121 -6.03 -2.62 14.31
CA PRO A 121 -5.40 -1.45 13.71
C PRO A 121 -5.46 -1.36 12.19
N ASP A 122 -5.33 -2.51 11.52
CA ASP A 122 -5.42 -2.55 10.06
C ASP A 122 -6.74 -1.99 9.50
N ASP A 123 -7.83 -2.15 10.26
CA ASP A 123 -9.16 -1.70 9.81
C ASP A 123 -9.24 -0.23 9.43
N SER A 124 -8.55 0.64 10.19
CA SER A 124 -8.47 2.08 9.88
C SER A 124 -8.00 2.35 8.46
N TYR A 125 -7.16 1.47 7.91
CA TYR A 125 -6.57 1.65 6.60
C TYR A 125 -7.43 1.08 5.48
N TRP A 126 -7.98 -0.11 5.69
CA TRP A 126 -8.71 -0.80 4.62
C TRP A 126 -10.23 -0.60 4.68
N PHE A 127 -10.80 -0.31 5.85
CA PHE A 127 -12.25 -0.03 5.90
C PHE A 127 -12.72 1.06 4.95
N PRO A 128 -11.98 2.18 4.84
CA PRO A 128 -12.42 3.22 3.90
C PRO A 128 -12.60 2.71 2.46
N LEU A 129 -11.75 1.79 2.02
CA LEU A 129 -11.91 1.19 0.71
C LEU A 129 -13.20 0.34 0.62
N LEU A 130 -13.50 -0.42 1.68
CA LEU A 130 -14.74 -1.20 1.77
C LEU A 130 -15.95 -0.29 1.64
N LEU A 131 -15.91 0.82 2.36
CA LEU A 131 -17.01 1.77 2.38
C LEU A 131 -17.20 2.43 1.00
N GLN A 132 -16.12 2.67 0.29
CA GLN A 132 -16.18 3.27 -1.04
C GLN A 132 -16.29 2.26 -2.19
N LYS A 133 -16.46 0.98 -1.87
CA LYS A 133 -16.75 -0.08 -2.84
C LYS A 133 -15.59 -0.32 -3.81
N LYS A 134 -14.37 -0.16 -3.30
CA LYS A 134 -13.19 -0.32 -4.10
C LYS A 134 -12.55 -1.63 -3.67
N LYS A 135 -12.38 -2.56 -4.61
CA LYS A 135 -11.72 -3.84 -4.35
C LYS A 135 -10.24 -3.59 -4.09
N PHE A 136 -9.64 -4.35 -3.16
CA PHE A 136 -8.28 -4.08 -2.69
C PHE A 136 -7.50 -5.33 -2.30
N HIS A 137 -6.18 -5.21 -2.35
CA HIS A 137 -5.25 -6.19 -1.81
C HIS A 137 -4.44 -5.44 -0.76
N GLY A 138 -4.32 -6.02 0.44
CA GLY A 138 -3.57 -5.43 1.54
C GLY A 138 -2.54 -6.40 2.09
N TYR A 139 -1.53 -5.84 2.75
CA TYR A 139 -0.49 -6.58 3.45
C TYR A 139 -0.17 -5.80 4.72
N PHE A 140 -0.11 -6.48 5.87
CA PHE A 140 0.21 -5.85 7.15
C PHE A 140 1.15 -6.77 7.91
N LYS A 141 2.30 -6.25 8.34
CA LYS A 141 3.21 -6.95 9.24
C LYS A 141 2.99 -6.37 10.63
N PHE A 142 2.61 -7.22 11.57
CA PHE A 142 2.35 -6.83 12.95
C PHE A 142 3.45 -7.33 13.85
N GLN A 143 3.75 -6.58 14.89
CA GLN A 143 4.50 -7.09 16.04
C GLN A 143 3.49 -7.13 17.17
N GLY A 144 3.11 -8.32 17.59
CA GLY A 144 2.01 -8.50 18.56
C GLY A 144 0.67 -8.01 18.02
N GLN A 145 -0.25 -7.70 18.93
CA GLN A 145 -1.63 -7.36 18.57
C GLN A 145 -1.86 -5.88 18.26
N ASP A 146 -0.90 -5.01 18.58
CA ASP A 146 -1.14 -3.56 18.53
C ASP A 146 -0.31 -2.77 17.52
N THR A 147 0.76 -3.35 16.99
CA THR A 147 1.74 -2.54 16.26
C THR A 147 1.87 -3.00 14.81
N ILE A 148 1.54 -2.10 13.88
CA ILE A 148 1.80 -2.32 12.46
C ILE A 148 3.21 -1.80 12.19
N LEU A 149 4.10 -2.70 11.79
CA LEU A 149 5.46 -2.31 11.42
C LEU A 149 5.55 -1.91 9.95
N ASP A 150 4.88 -2.65 9.08
CA ASP A 150 4.87 -2.38 7.63
C ASP A 150 3.49 -2.62 7.08
N TYR A 151 3.15 -1.96 5.98
CA TYR A 151 1.92 -2.29 5.28
C TYR A 151 1.94 -1.82 3.86
N THR A 152 1.19 -2.51 3.01
CA THR A 152 0.89 -2.02 1.68
C THR A 152 -0.60 -2.16 1.42
N LEU A 153 -1.13 -1.27 0.59
CA LEU A 153 -2.55 -1.26 0.24
C LEU A 153 -2.69 -0.73 -1.19
N ARG A 154 -3.34 -1.48 -2.07
CA ARG A 154 -3.57 -1.07 -3.46
C ARG A 154 -4.96 -1.51 -3.91
N GLU A 155 -5.55 -0.78 -4.85
CA GLU A 155 -6.84 -1.14 -5.43
C GLU A 155 -6.57 -2.15 -6.51
N VAL A 156 -7.52 -3.05 -6.73
CA VAL A 156 -7.40 -4.07 -7.75
C VAL A 156 -8.67 -4.16 -8.56
N ASP A 157 -8.56 -4.77 -9.74
CA ASP A 157 -9.72 -5.10 -10.56
C ASP A 157 -10.28 -6.46 -10.18
N THR A 158 -9.38 -7.39 -9.92
CA THR A 158 -9.71 -8.76 -9.56
C THR A 158 -9.21 -9.01 -8.13
N VAL A 159 -10.12 -9.42 -7.24
CA VAL A 159 -9.77 -9.75 -5.85
C VAL A 159 -9.05 -11.10 -5.83
N MET B 4 5.51 12.20 11.00
CA MET B 4 6.29 13.18 10.17
C MET B 4 6.52 14.52 10.89
N GLY B 5 7.78 14.79 11.21
CA GLY B 5 8.21 16.09 11.76
C GLY B 5 8.76 17.01 10.68
N ALA B 6 10.03 17.43 10.82
CA ALA B 6 10.66 18.41 9.91
C ALA B 6 11.27 17.74 8.69
N SER B 7 11.10 18.35 7.52
CA SER B 7 11.51 17.72 6.26
C SER B 7 12.00 18.69 5.18
N ARG B 8 12.68 18.11 4.18
CA ARG B 8 13.31 18.82 3.08
C ARG B 8 12.72 18.28 1.77
N LEU B 9 12.35 19.16 0.85
CA LEU B 9 11.71 18.76 -0.41
C LEU B 9 12.70 18.27 -1.49
N TYR B 10 12.36 17.19 -2.16
CA TYR B 10 13.17 16.63 -3.24
C TYR B 10 12.25 16.24 -4.39
N THR B 11 12.81 16.16 -5.60
CA THR B 11 12.08 15.63 -6.75
C THR B 11 12.77 14.41 -7.31
N LEU B 12 11.98 13.58 -8.00
CA LEU B 12 12.49 12.42 -8.71
C LEU B 12 11.66 12.25 -9.95
N VAL B 13 12.33 12.15 -11.11
CA VAL B 13 11.63 12.11 -12.40
C VAL B 13 11.96 10.81 -13.15
N LEU B 14 10.93 10.12 -13.61
CA LEU B 14 11.06 8.89 -14.36
C LEU B 14 10.49 9.14 -15.72
N VAL B 15 11.33 9.02 -16.74
CA VAL B 15 10.86 9.10 -18.12
C VAL B 15 10.40 7.68 -18.47
N LEU B 16 9.09 7.50 -18.56
CA LEU B 16 8.51 6.17 -18.67
C LEU B 16 7.82 6.01 -20.01
N GLN B 17 8.42 5.19 -20.87
CA GLN B 17 7.90 4.89 -22.21
C GLN B 17 7.46 3.41 -22.26
N PRO B 18 6.55 3.06 -23.20
CA PRO B 18 5.93 1.72 -23.25
C PRO B 18 6.86 0.51 -23.09
N GLN B 19 8.02 0.55 -23.73
CA GLN B 19 8.96 -0.58 -23.67
C GLN B 19 10.22 -0.32 -22.83
N ARG B 20 10.39 0.90 -22.32
CA ARG B 20 11.64 1.27 -21.67
C ARG B 20 11.49 2.42 -20.67
N VAL B 21 12.44 2.49 -19.76
CA VAL B 21 12.48 3.55 -18.77
C VAL B 21 13.89 4.11 -18.79
N LEU B 22 13.99 5.45 -18.74
CA LEU B 22 15.27 6.12 -18.77
C LEU B 22 15.71 6.27 -17.33
N LEU B 23 16.86 5.71 -17.01
CA LEU B 23 17.50 5.93 -15.73
C LEU B 23 18.81 6.62 -16.01
N GLY B 24 19.44 7.11 -14.94
CA GLY B 24 20.79 7.68 -15.01
C GLY B 24 21.73 7.12 -13.95
N MET B 25 22.97 6.86 -14.35
CA MET B 25 24.01 6.38 -13.43
C MET B 25 24.67 7.56 -12.77
N LYS B 26 24.61 7.60 -11.44
CA LYS B 26 25.04 8.74 -10.66
C LYS B 26 26.56 8.68 -10.56
N LYS B 27 27.24 9.65 -11.17
CA LYS B 27 28.69 9.58 -11.41
C LYS B 27 29.57 9.84 -10.18
N ARG B 28 29.11 10.70 -9.27
CA ARG B 28 29.82 10.97 -8.00
C ARG B 28 28.88 11.57 -6.95
N GLY B 29 29.40 11.76 -5.74
CA GLY B 29 28.63 12.35 -4.64
C GLY B 29 27.77 11.31 -3.94
N PHE B 30 26.62 11.74 -3.42
CA PHE B 30 25.75 10.87 -2.63
C PHE B 30 24.96 9.90 -3.51
N GLY B 31 24.95 8.62 -3.15
CA GLY B 31 24.31 7.57 -3.95
C GLY B 31 25.00 7.31 -5.29
N ALA B 32 26.32 7.53 -5.34
CA ALA B 32 27.13 7.30 -6.53
C ALA B 32 27.28 5.81 -6.77
N GLY B 33 27.07 5.37 -8.01
CA GLY B 33 27.14 3.95 -8.37
C GLY B 33 25.79 3.28 -8.55
N ARG B 34 24.72 3.96 -8.14
CA ARG B 34 23.35 3.44 -8.34
C ARG B 34 22.67 4.09 -9.53
N TRP B 35 21.96 3.28 -10.30
CA TRP B 35 21.03 3.79 -11.31
C TRP B 35 19.83 4.43 -10.61
N ASN B 36 19.23 5.45 -11.24
CA ASN B 36 18.29 6.31 -10.54
C ASN B 36 17.46 7.15 -11.50
N GLY B 37 16.30 7.60 -11.04
CA GLY B 37 15.61 8.71 -11.67
C GLY B 37 16.44 9.99 -11.55
N PHE B 38 15.92 11.05 -12.17
CA PHE B 38 16.60 12.33 -12.20
C PHE B 38 15.92 13.25 -11.24
N GLY B 39 16.69 14.02 -10.50
CA GLY B 39 16.10 14.94 -9.55
C GLY B 39 17.09 15.47 -8.56
N GLY B 40 16.55 16.04 -7.49
CA GLY B 40 17.36 16.52 -6.40
C GLY B 40 16.58 17.44 -5.51
N LYS B 41 17.30 18.31 -4.82
CA LYS B 41 16.71 19.29 -3.92
C LYS B 41 15.86 20.33 -4.65
N VAL B 42 14.73 20.68 -4.05
CA VAL B 42 13.93 21.81 -4.49
C VAL B 42 14.47 23.08 -3.84
N GLN B 43 14.60 24.12 -4.65
CA GLN B 43 15.13 25.39 -4.23
C GLN B 43 14.05 26.31 -3.71
N GLU B 44 14.49 27.23 -2.86
CA GLU B 44 13.66 28.34 -2.42
C GLU B 44 13.25 29.17 -3.63
N GLY B 45 11.95 29.46 -3.76
CA GLY B 45 11.45 30.30 -4.84
C GLY B 45 11.05 29.57 -6.12
N GLU B 46 11.19 28.24 -6.18
CA GLU B 46 10.62 27.45 -7.31
C GLU B 46 9.53 26.53 -6.82
N THR B 47 8.57 26.21 -7.69
CA THR B 47 7.59 25.16 -7.39
C THR B 47 8.28 23.79 -7.48
N ILE B 48 7.62 22.79 -6.91
CA ILE B 48 8.14 21.43 -6.85
C ILE B 48 8.30 20.93 -8.27
N GLU B 49 7.28 21.12 -9.10
CA GLU B 49 7.37 20.67 -10.50
C GLU B 49 8.45 21.43 -11.29
N ASP B 50 8.62 22.72 -11.02
CA ASP B 50 9.67 23.49 -11.69
C ASP B 50 11.06 22.99 -11.30
N GLY B 51 11.22 22.55 -10.05
CA GLY B 51 12.46 21.94 -9.60
C GLY B 51 12.76 20.60 -10.26
N ALA B 52 11.71 19.79 -10.44
CA ALA B 52 11.81 18.54 -11.18
C ALA B 52 12.25 18.77 -12.61
N ARG B 53 11.59 19.72 -13.28
CA ARG B 53 11.94 20.10 -14.66
C ARG B 53 13.37 20.57 -14.74
N ARG B 54 13.74 21.46 -13.81
CA ARG B 54 15.12 21.95 -13.72
C ARG B 54 16.12 20.83 -13.61
N GLU B 55 15.91 19.92 -12.67
CA GLU B 55 16.86 18.84 -12.45
C GLU B 55 16.94 17.86 -13.64
N LEU B 56 15.80 17.58 -14.26
CA LEU B 56 15.74 16.73 -15.45
C LEU B 56 16.64 17.31 -16.55
N GLN B 57 16.48 18.61 -16.77
CA GLN B 57 17.25 19.33 -17.79
C GLN B 57 18.74 19.37 -17.45
N GLU B 58 19.09 19.70 -16.22
CA GLU B 58 20.50 19.73 -15.79
C GLU B 58 21.20 18.38 -15.93
N GLU B 59 20.47 17.29 -15.65
CA GLU B 59 21.08 15.97 -15.54
C GLU B 59 21.00 15.13 -16.82
N SER B 60 19.98 15.37 -17.65
CA SER B 60 19.78 14.60 -18.89
C SER B 60 19.80 15.45 -20.18
N GLY B 61 19.58 16.75 -20.07
CA GLY B 61 19.40 17.64 -21.20
C GLY B 61 17.96 17.78 -21.65
N LEU B 62 17.05 17.00 -21.05
CA LEU B 62 15.70 16.93 -21.55
C LEU B 62 14.79 18.00 -21.00
N THR B 63 13.89 18.42 -21.86
CA THR B 63 12.78 19.27 -21.52
C THR B 63 11.56 18.47 -21.89
N VAL B 64 10.43 18.85 -21.32
CA VAL B 64 9.26 17.99 -21.32
C VAL B 64 8.00 18.81 -21.49
N ASP B 65 7.00 18.19 -22.11
CA ASP B 65 5.74 18.82 -22.45
C ASP B 65 4.89 18.90 -21.19
N ALA B 66 4.72 17.76 -20.53
CA ALA B 66 3.99 17.67 -19.27
C ALA B 66 4.68 16.71 -18.30
N LEU B 67 4.65 17.06 -17.01
CA LEU B 67 5.09 16.17 -15.95
C LEU B 67 3.87 15.80 -15.14
N HIS B 68 3.72 14.52 -14.86
CA HIS B 68 2.57 14.01 -14.12
C HIS B 68 3.03 13.55 -12.73
N LYS B 69 2.31 13.99 -11.71
CA LYS B 69 2.56 13.55 -10.32
C LYS B 69 2.23 12.06 -10.19
N VAL B 70 3.22 11.27 -9.79
CA VAL B 70 3.02 9.82 -9.59
C VAL B 70 2.97 9.51 -8.09
N GLY B 71 3.79 10.15 -7.27
CA GLY B 71 3.72 9.83 -5.86
C GLY B 71 4.54 10.70 -4.96
N GLN B 72 4.41 10.43 -3.68
CA GLN B 72 5.16 11.10 -2.64
C GLN B 72 5.77 9.99 -1.79
N ILE B 73 7.07 10.04 -1.54
CA ILE B 73 7.73 9.07 -0.68
C ILE B 73 8.46 9.86 0.39
N VAL B 74 8.26 9.51 1.65
CA VAL B 74 9.04 10.08 2.73
C VAL B 74 10.16 9.10 3.10
N PHE B 75 11.40 9.58 3.18
CA PHE B 75 12.53 8.77 3.63
C PHE B 75 13.01 9.23 5.00
N GLU B 76 13.23 8.28 5.91
CA GLU B 76 13.88 8.56 7.19
C GLU B 76 15.15 7.73 7.24
N PHE B 77 16.27 8.38 7.56
CA PHE B 77 17.55 7.72 7.73
C PHE B 77 17.91 7.76 9.20
N VAL B 78 18.14 6.59 9.78
CA VAL B 78 18.48 6.49 11.21
C VAL B 78 19.74 7.33 11.45
N GLY B 79 19.69 8.17 12.48
CA GLY B 79 20.79 9.09 12.79
C GLY B 79 20.52 10.49 12.28
N GLU B 80 20.30 10.60 10.97
CA GLU B 80 20.03 11.88 10.31
C GLU B 80 18.66 12.41 10.75
N PRO B 81 18.61 13.64 11.29
CA PRO B 81 17.37 14.12 11.89
C PRO B 81 16.27 14.51 10.89
N GLU B 82 16.62 15.15 9.78
CA GLU B 82 15.60 15.69 8.88
C GLU B 82 15.06 14.61 7.94
N LEU B 83 13.75 14.61 7.72
CA LEU B 83 13.13 13.70 6.75
C LEU B 83 13.30 14.23 5.34
N MET B 84 13.28 13.33 4.36
CA MET B 84 13.23 13.73 2.95
C MET B 84 11.83 13.50 2.42
N ASP B 85 11.25 14.52 1.82
CA ASP B 85 9.92 14.46 1.26
C ASP B 85 10.09 14.49 -0.25
N VAL B 86 10.07 13.31 -0.90
CA VAL B 86 10.35 13.16 -2.33
C VAL B 86 9.06 13.15 -3.12
N HIS B 87 8.93 14.08 -4.06
CA HIS B 87 7.80 14.12 -4.96
C HIS B 87 8.23 13.46 -6.26
N VAL B 88 7.51 12.43 -6.66
CA VAL B 88 7.89 11.59 -7.82
C VAL B 88 7.02 11.99 -9.00
N PHE B 89 7.67 12.24 -10.14
CA PHE B 89 6.98 12.64 -11.36
C PHE B 89 7.30 11.66 -12.48
N CYS B 90 6.39 11.62 -13.46
N CYS B 90 6.38 11.52 -13.43
CA CYS B 90 6.44 10.70 -14.60
CA CYS B 90 6.62 10.70 -14.62
C CYS B 90 6.23 11.49 -15.90
C CYS B 90 6.26 11.47 -15.88
N THR B 91 6.84 11.04 -16.99
CA THR B 91 6.58 11.63 -18.31
C THR B 91 6.93 10.63 -19.41
N ASP B 92 6.06 10.58 -20.42
CA ASP B 92 6.27 9.73 -21.59
C ASP B 92 6.87 10.58 -22.70
N SER B 93 6.10 11.55 -23.19
CA SER B 93 6.55 12.40 -24.30
C SER B 93 7.60 13.39 -23.80
N ILE B 94 8.73 13.42 -24.48
CA ILE B 94 9.89 14.24 -24.11
C ILE B 94 10.26 15.14 -25.30
N GLN B 95 11.24 16.03 -25.08
CA GLN B 95 11.79 16.92 -26.12
C GLN B 95 13.30 16.74 -26.20
N GLY B 96 13.76 16.10 -27.27
CA GLY B 96 15.19 15.93 -27.53
C GLY B 96 15.73 14.55 -27.17
N THR B 97 17.00 14.35 -27.47
CA THR B 97 17.73 13.16 -27.05
C THR B 97 18.25 13.41 -25.64
N PRO B 98 18.24 12.37 -24.78
CA PRO B 98 18.99 12.52 -23.52
C PRO B 98 20.47 12.45 -23.78
N VAL B 99 21.24 13.23 -23.02
CA VAL B 99 22.68 13.30 -23.18
C VAL B 99 23.35 13.30 -21.81
N GLU B 100 24.58 12.83 -21.79
CA GLU B 100 25.34 12.69 -20.55
C GLU B 100 25.66 14.07 -19.98
N SER B 101 25.65 14.16 -18.65
CA SER B 101 25.99 15.40 -17.94
C SER B 101 27.03 15.07 -16.88
N ASP B 102 27.47 16.07 -16.13
CA ASP B 102 28.50 15.88 -15.11
C ASP B 102 27.99 15.09 -13.91
N GLU B 103 26.70 15.16 -13.66
CA GLU B 103 26.05 14.45 -12.55
C GLU B 103 25.58 13.04 -12.99
N MET B 104 25.00 12.92 -14.19
CA MET B 104 24.32 11.68 -14.61
C MET B 104 24.62 11.27 -16.04
N ARG B 105 24.90 9.97 -16.22
CA ARG B 105 24.94 9.35 -17.54
C ARG B 105 23.64 8.61 -17.76
N PRO B 106 22.73 9.16 -18.60
CA PRO B 106 21.50 8.44 -18.88
C PRO B 106 21.73 7.15 -19.67
N CYS B 107 20.73 6.28 -19.64
CA CYS B 107 20.69 5.05 -20.43
C CYS B 107 19.30 4.47 -20.32
N TRP B 108 18.74 4.05 -21.45
CA TRP B 108 17.45 3.38 -21.44
C TRP B 108 17.62 1.93 -20.96
N PHE B 109 16.66 1.46 -20.19
CA PHE B 109 16.58 0.06 -19.80
C PHE B 109 15.22 -0.44 -20.23
N GLN B 110 15.20 -1.65 -20.78
CA GLN B 110 13.96 -2.28 -21.19
C GLN B 110 13.21 -2.62 -19.90
N LEU B 111 11.89 -2.55 -19.94
CA LEU B 111 11.10 -2.69 -18.72
C LEU B 111 11.30 -4.03 -18.00
N ASP B 112 11.58 -5.13 -18.74
CA ASP B 112 11.96 -6.40 -18.10
C ASP B 112 13.44 -6.51 -17.65
N GLN B 113 14.24 -5.45 -17.83
CA GLN B 113 15.65 -5.46 -17.39
C GLN B 113 16.01 -4.22 -16.54
N ILE B 114 15.07 -3.79 -15.70
CA ILE B 114 15.34 -2.70 -14.77
C ILE B 114 16.36 -3.21 -13.75
N PRO B 115 17.51 -2.53 -13.61
CA PRO B 115 18.58 -3.11 -12.78
C PRO B 115 18.39 -2.86 -11.28
N PHE B 116 17.37 -3.49 -10.70
CA PHE B 116 17.01 -3.26 -9.29
C PHE B 116 18.12 -3.49 -8.30
N LYS B 117 18.97 -4.47 -8.53
CA LYS B 117 20.06 -4.74 -7.59
C LYS B 117 21.11 -3.63 -7.56
N ASP B 118 21.20 -2.83 -8.63
CA ASP B 118 22.05 -1.63 -8.69
C ASP B 118 21.23 -0.33 -8.58
N MET B 119 20.07 -0.40 -7.93
CA MET B 119 19.24 0.78 -7.65
C MET B 119 19.00 0.85 -6.15
N TRP B 120 18.46 1.99 -5.70
CA TRP B 120 18.02 2.11 -4.33
C TRP B 120 17.00 0.98 -4.01
N PRO B 121 17.21 0.24 -2.90
CA PRO B 121 16.30 -0.90 -2.58
C PRO B 121 14.80 -0.59 -2.52
N ASP B 122 14.43 0.63 -2.15
CA ASP B 122 13.01 1.03 -2.16
C ASP B 122 12.36 0.92 -3.55
N ASP B 123 13.16 1.09 -4.60
CA ASP B 123 12.64 1.03 -5.96
C ASP B 123 11.93 -0.26 -6.28
N SER B 124 12.42 -1.40 -5.77
CA SER B 124 11.76 -2.71 -5.94
C SER B 124 10.31 -2.69 -5.45
N TYR B 125 10.05 -1.94 -4.38
CA TYR B 125 8.72 -1.87 -3.77
C TYR B 125 7.71 -1.00 -4.52
N TRP B 126 8.14 0.16 -5.01
CA TRP B 126 7.20 1.14 -5.58
C TRP B 126 7.15 1.20 -7.11
N PHE B 127 8.19 0.71 -7.79
CA PHE B 127 8.15 0.59 -9.24
C PHE B 127 6.91 -0.12 -9.81
N PRO B 128 6.45 -1.23 -9.18
CA PRO B 128 5.22 -1.85 -9.69
C PRO B 128 4.05 -0.89 -9.85
N LEU B 129 3.85 -0.01 -8.88
CA LEU B 129 2.79 0.99 -8.97
C LEU B 129 3.08 2.04 -10.04
N LEU B 130 4.33 2.51 -10.11
CA LEU B 130 4.76 3.38 -11.21
C LEU B 130 4.38 2.74 -12.55
N LEU B 131 4.83 1.51 -12.76
CA LEU B 131 4.61 0.80 -14.03
C LEU B 131 3.15 0.48 -14.34
N GLN B 132 2.31 0.33 -13.32
CA GLN B 132 0.86 0.22 -13.53
C GLN B 132 0.14 1.56 -13.68
N LYS B 133 0.87 2.68 -13.68
CA LYS B 133 0.28 4.03 -13.75
C LYS B 133 -0.62 4.36 -12.55
N LYS B 134 -0.23 3.91 -11.37
CA LYS B 134 -0.97 4.19 -10.13
C LYS B 134 -0.23 5.31 -9.40
N LYS B 135 -0.97 6.05 -8.59
CA LYS B 135 -0.40 7.08 -7.74
C LYS B 135 -0.26 6.53 -6.33
N PHE B 136 0.73 6.99 -5.58
CA PHE B 136 1.02 6.42 -4.27
C PHE B 136 1.67 7.37 -3.28
N HIS B 137 1.49 7.05 -1.99
CA HIS B 137 2.25 7.64 -0.90
C HIS B 137 3.08 6.51 -0.30
N GLY B 138 4.37 6.74 -0.13
CA GLY B 138 5.27 5.75 0.47
C GLY B 138 6.04 6.35 1.63
N TYR B 139 6.60 5.46 2.44
CA TYR B 139 7.47 5.81 3.55
C TYR B 139 8.50 4.71 3.68
N PHE B 140 9.78 5.05 3.81
CA PHE B 140 10.83 4.07 4.02
C PHE B 140 11.80 4.54 5.09
N LYS B 141 12.04 3.67 6.08
CA LYS B 141 13.06 3.90 7.12
C LYS B 141 14.31 3.11 6.76
N PHE B 142 15.44 3.80 6.65
CA PHE B 142 16.72 3.20 6.27
C PHE B 142 17.72 3.22 7.42
N GLN B 143 18.51 2.16 7.51
CA GLN B 143 19.70 2.12 8.33
C GLN B 143 20.89 2.08 7.37
N GLY B 144 21.55 3.21 7.18
CA GLY B 144 22.58 3.33 6.14
C GLY B 144 21.94 3.31 4.76
N GLN B 145 22.75 3.00 3.75
CA GLN B 145 22.32 3.10 2.35
C GLN B 145 21.68 1.85 1.76
N ASP B 146 21.83 0.71 2.43
CA ASP B 146 21.39 -0.58 1.90
C ASP B 146 20.14 -1.15 2.56
N THR B 147 19.84 -0.75 3.80
CA THR B 147 18.93 -1.52 4.66
C THR B 147 17.61 -0.81 4.97
N ILE B 148 16.52 -1.34 4.42
CA ILE B 148 15.19 -0.88 4.79
C ILE B 148 14.77 -1.59 6.07
N LEU B 149 14.59 -0.82 7.13
CA LEU B 149 14.10 -1.38 8.39
C LEU B 149 12.58 -1.55 8.38
N ASP B 150 11.87 -0.57 7.84
CA ASP B 150 10.42 -0.69 7.66
C ASP B 150 9.89 0.25 6.59
N TYR B 151 8.67 0.02 6.16
CA TYR B 151 8.09 0.84 5.10
C TYR B 151 6.57 0.74 5.05
N THR B 152 5.96 1.69 4.38
CA THR B 152 4.55 1.59 4.03
C THR B 152 4.42 2.10 2.60
N LEU B 153 3.38 1.62 1.92
CA LEU B 153 3.09 2.03 0.56
C LEU B 153 1.60 1.84 0.34
N ARG B 154 0.91 2.94 0.04
CA ARG B 154 -0.52 2.99 -0.13
C ARG B 154 -0.84 3.63 -1.48
N GLU B 155 -1.64 2.96 -2.32
CA GLU B 155 -2.15 3.61 -3.53
C GLU B 155 -3.09 4.73 -3.12
N VAL B 156 -3.01 5.85 -3.83
CA VAL B 156 -3.82 7.03 -3.55
C VAL B 156 -4.49 7.52 -4.83
N ASP B 157 -5.51 8.35 -4.66
CA ASP B 157 -6.16 8.99 -5.81
C ASP B 157 -5.58 10.37 -6.13
N THR B 158 -5.11 11.09 -5.11
CA THR B 158 -4.39 12.36 -5.28
C THR B 158 -3.06 12.34 -4.52
N VAL B 159 -2.00 12.79 -5.17
CA VAL B 159 -0.66 12.76 -4.57
C VAL B 159 -0.52 13.91 -3.58
#